data_9NHU
#
_entry.id   9NHU
#
_cell.length_a   67.790
_cell.length_b   68.216
_cell.length_c   137.873
_cell.angle_alpha   90.000
_cell.angle_beta   90.000
_cell.angle_gamma   90.000
#
_symmetry.space_group_name_H-M   'P 21 21 21'
#
loop_
_entity.id
_entity.type
_entity.pdbx_description
1 polymer 'Guanine-N7 methyltransferase nsp14'
2 non-polymer 'ZINC ION'
3 non-polymer 'PHOSPHATE ION'
4 non-polymer 5-{[(cyclopropylmethyl)amino]methyl}-N-[(4-cyclopropyl-1,3-thiazol-2-yl)methyl]-1H-pyrazole-3-carboxamide
5 water water
#
_entity_poly.entity_id   1
_entity_poly.type   'polypeptide(L)'
_entity_poly.pdbx_seq_one_letter_code
;SMLFKDCSKVITGLHPTQAPTHLSVDTKFKTEGLCVDIPGIPKDMTYRRLISMMGFKMNYQVNGYPNMFITREEAIRHVR
AWIGFDVEGCHATREAVGTNLPLQLGFSTGVNLVAVPTGYVDTPNNTDFSRVSAKPPPGDQFKHLIPLMYKGLPWNVVRI
KIVQMLSDTLKNLSDRVVFVLWAHGFELTSMKYFVKIGPERTCCLCDRRATCFSTASDTYACWHHSIGFDYVYNPFMIDV
QQWGFTGNLQSNHDLYCQVHGNAHVASCDAIMTRCLAVHECFVKRVDWTIEYPIIGDELKINAACRKVQHMVVKAALLAD
KFPVLHDIGNPKAIKCVPQADVEWKFYDAQPCSDKAYKIEELFYSYATHSDKFTDGVCLFWNCNVDRYPANSIVCRFDTR
VLSNLNLPGCDGGSLYVNKHAFHTPAFDKSAFVNLKQLPFFYYSDSPCESHGKQVVSDIDYVPLKSATCITRCNLGGAVC
RHHANEYRLYLDAYNMMISAGFSLWVYKQFDTYNLWNTFTRLQ
;
_entity_poly.pdbx_strand_id   A
#
loop_
_chem_comp.id
_chem_comp.type
_chem_comp.name
_chem_comp.formula
A1BYF non-polymer 5-{[(cyclopropylmethyl)amino]methyl}-N-[(4-cyclopropyl-1,3-thiazol-2-yl)methyl]-1H-pyrazole-3-carboxamide 'C16 H21 N5 O S'
PO4 non-polymer 'PHOSPHATE ION' 'O4 P -3'
ZN non-polymer 'ZINC ION' 'Zn 2'
#
# COMPACT_ATOMS: atom_id res chain seq x y z
N LEU A 23 24.59 1.50 5.18
CA LEU A 23 24.73 2.19 6.46
C LEU A 23 25.96 1.70 7.23
N SER A 24 26.95 2.57 7.36
CA SER A 24 28.20 2.20 8.03
C SER A 24 27.95 1.85 9.48
N VAL A 25 28.54 0.75 9.92
CA VAL A 25 28.52 0.46 11.35
C VAL A 25 29.22 1.53 12.18
N ASP A 26 30.10 2.33 11.58
CA ASP A 26 30.78 3.40 12.31
C ASP A 26 29.98 4.71 12.34
N THR A 27 28.84 4.77 11.66
CA THR A 27 27.97 5.93 11.79
C THR A 27 27.55 6.11 13.24
N LYS A 28 27.34 7.37 13.62
CA LYS A 28 26.97 7.67 14.99
C LYS A 28 25.48 7.44 15.20
N PHE A 29 25.13 6.91 16.38
CA PHE A 29 23.77 6.67 16.81
C PHE A 29 23.48 7.56 18.01
N LYS A 30 22.42 8.38 17.91
CA LYS A 30 22.05 9.25 19.02
C LYS A 30 21.36 8.45 20.12
N THR A 31 21.78 8.64 21.37
CA THR A 31 21.42 7.72 22.44
C THR A 31 20.53 8.36 23.50
N GLU A 32 20.15 9.62 23.34
CA GLU A 32 19.31 10.25 24.36
C GLU A 32 17.99 9.51 24.54
N GLY A 33 17.35 9.07 23.45
CA GLY A 33 16.11 8.30 23.60
C GLY A 33 16.27 7.04 24.43
N LEU A 34 17.45 6.42 24.40
CA LEU A 34 17.67 5.18 25.13
C LEU A 34 17.97 5.37 26.62
N CYS A 35 18.24 6.58 27.09
CA CYS A 35 18.87 6.69 28.40
C CYS A 35 17.89 6.58 29.55
N VAL A 36 16.59 6.40 29.28
CA VAL A 36 15.68 6.15 30.38
C VAL A 36 15.61 4.65 30.72
N ASP A 37 15.70 3.79 29.71
CA ASP A 37 15.79 2.35 29.97
C ASP A 37 17.21 1.93 30.27
N ILE A 38 18.19 2.69 29.77
CA ILE A 38 19.61 2.36 29.91
C ILE A 38 20.31 3.58 30.50
N PRO A 39 20.18 3.83 31.80
CA PRO A 39 20.87 4.97 32.41
C PRO A 39 22.38 4.84 32.30
N GLY A 40 23.03 5.97 32.03
CA GLY A 40 24.47 5.99 31.88
C GLY A 40 24.97 5.60 30.51
N ILE A 41 24.08 5.41 29.55
CA ILE A 41 24.54 5.03 28.21
C ILE A 41 25.43 6.13 27.65
N PRO A 42 26.54 5.80 26.98
CA PRO A 42 27.42 6.85 26.46
C PRO A 42 26.69 7.72 25.45
N LYS A 43 27.05 8.99 25.44
CA LYS A 43 26.53 9.88 24.40
C LYS A 43 27.17 9.55 23.07
N ASP A 44 28.45 9.18 23.09
CA ASP A 44 29.23 8.87 21.90
C ASP A 44 29.05 7.38 21.63
N MET A 45 28.30 7.04 20.58
CA MET A 45 27.99 5.65 20.27
C MET A 45 27.85 5.45 18.77
N THR A 46 28.49 4.40 18.25
CA THR A 46 28.31 3.94 16.88
C THR A 46 27.34 2.76 16.83
N TYR A 47 26.88 2.45 15.60
CA TYR A 47 26.08 1.23 15.44
C TYR A 47 26.91 0.00 15.80
N ARG A 48 28.20 0.02 15.45
CA ARG A 48 29.09 -1.09 15.81
C ARG A 48 29.04 -1.41 17.30
N ARG A 49 29.13 -0.38 18.14
CA ARG A 49 29.12 -0.61 19.58
C ARG A 49 27.72 -0.90 20.11
N LEU A 50 26.68 -0.31 19.51
CA LEU A 50 25.31 -0.63 19.93
C LEU A 50 25.00 -2.10 19.64
N ILE A 51 25.31 -2.55 18.43
CA ILE A 51 25.04 -3.94 18.08
C ILE A 51 25.75 -4.87 19.05
N SER A 52 26.97 -4.50 19.47
CA SER A 52 27.69 -5.28 20.46
C SER A 52 27.00 -5.26 21.81
N MET A 53 26.54 -4.08 22.22
CA MET A 53 25.81 -3.97 23.47
C MET A 53 24.51 -4.77 23.41
N MET A 54 23.89 -4.86 22.23
CA MET A 54 22.67 -5.66 22.12
C MET A 54 22.96 -7.15 22.20
N GLY A 55 24.22 -7.56 22.19
CA GLY A 55 24.57 -8.95 22.37
C GLY A 55 24.94 -9.73 21.13
N PHE A 56 25.27 -9.07 20.02
CA PHE A 56 25.47 -9.78 18.77
C PHE A 56 26.93 -9.70 18.27
N GLY A 64 27.27 -10.25 3.38
CA GLY A 64 26.01 -9.75 2.86
C GLY A 64 25.14 -9.01 3.87
N TYR A 65 25.56 -9.03 5.13
CA TYR A 65 24.80 -8.50 6.25
C TYR A 65 25.73 -7.56 7.02
N PRO A 66 26.03 -6.40 6.45
CA PRO A 66 27.03 -5.50 7.07
C PRO A 66 26.54 -4.76 8.30
N ASN A 67 25.24 -4.57 8.48
CA ASN A 67 24.68 -3.80 9.58
C ASN A 67 23.25 -4.25 9.82
N MET A 68 22.88 -4.48 11.09
CA MET A 68 21.48 -4.79 11.40
C MET A 68 20.58 -3.59 11.12
N PHE A 69 21.13 -2.39 11.21
CA PHE A 69 20.42 -1.15 10.93
C PHE A 69 20.67 -0.72 9.50
N ILE A 70 19.74 0.10 8.99
CA ILE A 70 19.74 0.47 7.58
C ILE A 70 19.36 1.93 7.46
N THR A 71 19.61 2.48 6.27
CA THR A 71 19.32 3.87 5.96
C THR A 71 17.84 4.08 5.68
N ARG A 72 17.40 5.33 5.85
CA ARG A 72 16.05 5.71 5.45
C ARG A 72 15.79 5.35 3.99
N GLU A 73 16.79 5.45 3.13
CA GLU A 73 16.60 5.11 1.72
C GLU A 73 16.43 3.60 1.53
N GLU A 74 17.28 2.79 2.17
CA GLU A 74 17.06 1.34 2.07
C GLU A 74 15.71 0.97 2.68
N ALA A 75 15.32 1.66 3.76
CA ALA A 75 14.04 1.34 4.41
C ALA A 75 12.88 1.62 3.47
N ILE A 76 12.94 2.75 2.78
CA ILE A 76 11.89 3.12 1.83
C ILE A 76 11.80 2.09 0.72
N ARG A 77 12.94 1.65 0.20
CA ARG A 77 12.92 0.63 -0.84
C ARG A 77 12.27 -0.65 -0.33
N HIS A 78 12.20 -0.85 0.98
CA HIS A 78 11.70 -2.08 1.57
C HIS A 78 10.53 -1.82 2.52
N VAL A 79 9.69 -0.85 2.15
CA VAL A 79 8.51 -0.50 2.94
C VAL A 79 7.58 -1.71 3.13
N ARG A 80 7.52 -2.63 2.17
CA ARG A 80 6.66 -3.79 2.38
C ARG A 80 7.10 -4.62 3.58
N ALA A 81 8.34 -4.47 4.03
CA ALA A 81 8.87 -5.26 5.14
C ALA A 81 8.67 -4.60 6.50
N TRP A 82 8.05 -3.42 6.55
CA TRP A 82 8.04 -2.68 7.79
C TRP A 82 7.11 -3.32 8.79
N ILE A 83 7.64 -3.59 9.98
CA ILE A 83 6.86 -4.03 11.12
C ILE A 83 7.26 -3.13 12.27
N GLY A 84 6.39 -2.19 12.62
CA GLY A 84 6.59 -1.46 13.86
C GLY A 84 6.77 -2.40 15.03
N PHE A 85 7.57 -1.95 16.02
CA PHE A 85 7.93 -2.84 17.11
C PHE A 85 8.25 -2.01 18.34
N ASP A 86 7.60 -2.37 19.44
CA ASP A 86 7.79 -1.68 20.70
C ASP A 86 7.80 -2.70 21.83
N VAL A 87 8.67 -2.45 22.82
CA VAL A 87 8.77 -3.25 24.03
C VAL A 87 8.62 -2.32 25.22
N GLU A 88 7.80 -2.71 26.20
CA GLU A 88 7.42 -1.86 27.32
C GLU A 88 7.59 -2.69 28.58
N GLY A 89 8.30 -2.12 29.56
CA GLY A 89 8.62 -2.81 30.79
C GLY A 89 7.69 -2.43 31.93
N CYS A 90 8.19 -2.60 33.16
CA CYS A 90 7.39 -2.37 34.35
C CYS A 90 8.04 -1.41 35.35
N PRO A 102 9.72 -8.70 33.29
CA PRO A 102 8.44 -8.97 32.61
C PRO A 102 8.04 -7.90 31.58
N LEU A 103 8.03 -8.27 30.28
CA LEU A 103 8.00 -7.31 29.18
C LEU A 103 6.84 -7.58 28.25
N GLN A 104 6.34 -6.49 27.65
CA GLN A 104 5.25 -6.56 26.69
C GLN A 104 5.76 -6.16 25.31
N LEU A 105 5.54 -7.04 24.35
CA LEU A 105 6.13 -6.94 23.03
C LEU A 105 5.01 -6.62 22.06
N GLY A 106 4.91 -5.36 21.67
CA GLY A 106 3.90 -4.99 20.72
C GLY A 106 4.42 -4.84 19.32
N PHE A 107 3.61 -5.27 18.36
CA PHE A 107 3.93 -5.14 16.95
C PHE A 107 2.81 -4.42 16.21
N SER A 108 3.15 -3.85 15.06
CA SER A 108 2.14 -3.06 14.34
C SER A 108 1.09 -3.94 13.67
N THR A 109 1.20 -5.26 13.79
CA THR A 109 0.12 -6.15 13.41
C THR A 109 -1.00 -6.18 14.44
N GLY A 110 -0.92 -5.37 15.50
CA GLY A 110 -1.90 -5.39 16.57
C GLY A 110 -1.60 -6.36 17.70
N VAL A 111 -0.62 -7.23 17.52
CA VAL A 111 -0.33 -8.28 18.50
C VAL A 111 0.49 -7.75 19.65
N ASN A 112 0.13 -8.16 20.87
CA ASN A 112 0.89 -7.91 22.09
C ASN A 112 1.22 -9.25 22.74
N LEU A 113 2.51 -9.50 22.95
CA LEU A 113 2.97 -10.68 23.67
C LEU A 113 3.63 -10.25 24.98
N VAL A 114 3.49 -11.10 25.99
CA VAL A 114 4.17 -10.88 27.26
C VAL A 114 5.24 -11.94 27.42
N ALA A 115 6.49 -11.50 27.60
CA ALA A 115 7.60 -12.39 27.83
C ALA A 115 8.06 -12.31 29.27
N VAL A 116 8.13 -13.48 29.91
CA VAL A 116 8.37 -13.53 31.34
C VAL A 116 9.81 -13.97 31.63
N GLY A 152 1.41 -14.10 29.78
CA GLY A 152 2.81 -14.12 30.23
C GLY A 152 3.43 -15.49 30.06
N LEU A 153 4.41 -15.60 29.16
CA LEU A 153 5.03 -16.86 28.78
C LEU A 153 6.50 -16.67 28.57
N PRO A 154 7.32 -17.73 28.74
CA PRO A 154 8.76 -17.60 28.61
C PRO A 154 9.19 -17.30 27.18
N TRP A 155 10.46 -16.90 27.07
CA TRP A 155 10.96 -16.45 25.77
C TRP A 155 11.05 -17.61 24.78
N ASN A 156 11.30 -18.82 25.27
CA ASN A 156 11.46 -19.94 24.34
C ASN A 156 10.17 -20.26 23.59
N VAL A 157 8.99 -19.92 24.14
CA VAL A 157 7.75 -20.01 23.34
C VAL A 157 7.45 -18.69 22.62
N VAL A 158 7.77 -17.55 23.24
CA VAL A 158 7.42 -16.27 22.62
C VAL A 158 8.11 -16.12 21.26
N ARG A 159 9.32 -16.64 21.14
CA ARG A 159 10.03 -16.50 19.87
C ARG A 159 9.41 -17.35 18.78
N ILE A 160 8.79 -18.47 19.16
CA ILE A 160 8.07 -19.31 18.20
C ILE A 160 6.86 -18.55 17.63
N LYS A 161 6.12 -17.85 18.49
CA LYS A 161 5.00 -17.03 18.02
C LYS A 161 5.48 -15.88 17.15
N ILE A 162 6.63 -15.28 17.48
CA ILE A 162 7.10 -14.14 16.71
C ILE A 162 7.38 -14.57 15.27
N VAL A 163 8.04 -15.71 15.11
CA VAL A 163 8.36 -16.21 13.78
C VAL A 163 7.08 -16.51 13.01
N GLN A 164 6.09 -17.12 13.66
CA GLN A 164 4.85 -17.45 12.97
C GLN A 164 4.12 -16.18 12.52
N MET A 165 4.05 -15.20 13.40
CA MET A 165 3.34 -13.97 13.07
C MET A 165 4.01 -13.22 11.92
N LEU A 166 5.33 -13.12 11.94
CA LEU A 166 6.02 -12.35 10.91
C LEU A 166 6.00 -13.09 9.59
N SER A 167 6.16 -14.42 9.62
CA SER A 167 6.10 -15.20 8.39
C SER A 167 4.72 -15.06 7.74
N ASP A 168 3.65 -15.13 8.53
CA ASP A 168 2.31 -15.01 7.94
C ASP A 168 2.04 -13.60 7.46
N THR A 169 2.57 -12.58 8.16
CA THR A 169 2.31 -11.21 7.74
C THR A 169 3.06 -10.88 6.46
N LEU A 170 4.26 -11.44 6.26
CA LEU A 170 5.19 -10.92 5.28
C LEU A 170 5.49 -11.84 4.09
N LYS A 171 5.09 -13.12 4.16
CA LYS A 171 5.54 -14.05 3.13
C LYS A 171 5.10 -13.59 1.74
N ASN A 172 3.93 -12.98 1.63
CA ASN A 172 3.43 -12.51 0.35
C ASN A 172 3.73 -11.05 0.09
N LEU A 173 4.55 -10.42 0.94
CA LEU A 173 4.89 -9.00 0.83
C LEU A 173 6.36 -8.76 0.53
N SER A 174 7.28 -9.45 1.21
CA SER A 174 8.69 -9.06 1.15
C SER A 174 9.58 -10.25 1.45
N ASP A 175 10.86 -10.11 1.10
CA ASP A 175 11.88 -11.12 1.41
C ASP A 175 12.61 -10.85 2.73
N ARG A 176 12.14 -9.92 3.55
CA ARG A 176 12.81 -9.62 4.81
C ARG A 176 11.81 -9.00 5.78
N VAL A 177 12.28 -8.73 6.99
CA VAL A 177 11.56 -7.89 7.94
C VAL A 177 12.42 -6.67 8.22
N VAL A 178 11.75 -5.53 8.44
CA VAL A 178 12.40 -4.30 8.86
C VAL A 178 11.65 -3.79 10.09
N PHE A 179 12.27 -3.91 11.25
CA PHE A 179 11.63 -3.48 12.48
C PHE A 179 11.77 -1.96 12.55
N VAL A 180 10.64 -1.27 12.62
CA VAL A 180 10.59 0.18 12.74
C VAL A 180 10.39 0.50 14.22
N LEU A 181 11.28 1.36 14.74
CA LEU A 181 11.41 1.58 16.18
C LEU A 181 11.31 3.05 16.51
N TRP A 182 10.83 3.27 17.72
CA TRP A 182 11.01 4.51 18.44
C TRP A 182 11.76 4.10 19.72
N ALA A 183 13.11 4.13 19.63
CA ALA A 183 13.85 3.26 20.51
C ALA A 183 14.10 3.90 21.86
N HIS A 184 13.67 3.21 22.93
CA HIS A 184 13.98 3.62 24.29
C HIS A 184 14.82 2.63 25.06
N GLY A 185 15.09 1.44 24.50
CA GLY A 185 16.10 0.60 25.06
C GLY A 185 15.68 -0.84 25.22
N PHE A 186 14.49 -1.08 25.79
CA PHE A 186 14.03 -2.46 25.99
C PHE A 186 13.86 -3.19 24.66
N GLU A 187 13.40 -2.50 23.62
CA GLU A 187 13.19 -3.21 22.37
C GLU A 187 14.52 -3.71 21.82
N LEU A 188 15.60 -2.95 22.02
CA LEU A 188 16.88 -3.35 21.47
C LEU A 188 17.55 -4.45 22.30
N THR A 189 17.42 -4.39 23.62
CA THR A 189 18.01 -5.42 24.45
C THR A 189 17.22 -6.71 24.40
N SER A 190 15.93 -6.63 24.08
CA SER A 190 15.13 -7.84 23.94
C SER A 190 15.43 -8.61 22.67
N MET A 191 16.10 -8.01 21.69
CA MET A 191 16.25 -8.65 20.41
C MET A 191 16.98 -9.98 20.52
N LYS A 192 18.09 -10.00 21.27
CA LYS A 192 18.90 -11.21 21.38
C LYS A 192 18.08 -12.43 21.80
N TYR A 193 16.90 -12.22 22.38
CA TYR A 193 16.10 -13.35 22.84
C TYR A 193 15.31 -14.01 21.72
N PHE A 194 15.18 -13.34 20.57
CA PHE A 194 14.47 -13.98 19.47
C PHE A 194 15.13 -13.73 18.11
N VAL A 195 16.35 -13.20 18.06
CA VAL A 195 17.06 -12.97 16.80
C VAL A 195 18.39 -13.71 16.81
N LYS A 196 18.71 -14.33 15.68
CA LYS A 196 20.06 -14.80 15.38
C LYS A 196 20.51 -14.09 14.11
N ILE A 197 21.81 -13.79 14.02
CA ILE A 197 22.37 -13.15 12.83
C ILE A 197 23.56 -13.97 12.33
N GLY A 198 24.00 -13.64 11.12
CA GLY A 198 25.08 -14.36 10.50
C GLY A 198 25.23 -13.99 9.03
N PRO A 199 25.94 -14.84 8.28
CA PRO A 199 26.00 -14.61 6.83
C PRO A 199 24.63 -14.75 6.19
N GLU A 200 24.35 -13.92 5.18
CA GLU A 200 23.20 -14.14 4.34
C GLU A 200 23.17 -15.60 3.92
N ARG A 201 21.97 -16.19 3.92
CA ARG A 201 21.78 -17.59 3.57
C ARG A 201 20.58 -17.71 2.66
N THR A 202 20.34 -18.94 2.18
CA THR A 202 19.16 -19.23 1.38
C THR A 202 18.29 -20.25 2.11
N CYS A 203 17.01 -20.28 1.75
CA CYS A 203 16.08 -21.22 2.36
C CYS A 203 16.50 -22.65 2.07
N CYS A 204 16.28 -23.52 3.06
CA CYS A 204 16.63 -24.93 2.88
C CYS A 204 15.72 -25.58 1.85
N LEU A 205 14.53 -25.06 1.67
CA LEU A 205 13.54 -25.66 0.79
C LEU A 205 13.25 -24.86 -0.47
N CYS A 206 13.87 -23.69 -0.64
CA CYS A 206 13.75 -22.95 -1.88
C CYS A 206 14.93 -21.98 -2.01
N ASP A 207 14.82 -21.03 -2.94
CA ASP A 207 15.91 -20.14 -3.30
C ASP A 207 15.77 -18.74 -2.74
N ARG A 208 14.71 -18.46 -2.00
CA ARG A 208 14.59 -17.15 -1.37
C ARG A 208 15.59 -17.03 -0.22
N ARG A 209 16.00 -15.79 0.08
CA ARG A 209 16.92 -15.62 1.19
C ARG A 209 16.26 -16.11 2.47
N ALA A 210 17.09 -16.56 3.41
CA ALA A 210 16.62 -17.00 4.72
C ALA A 210 16.27 -15.82 5.62
N THR A 211 15.12 -15.95 6.31
CA THR A 211 14.62 -14.96 7.25
C THR A 211 14.39 -15.53 8.63
N CYS A 212 14.45 -16.86 8.78
CA CYS A 212 14.28 -17.55 10.05
C CYS A 212 15.30 -18.67 10.18
N PHE A 213 15.48 -19.13 11.41
CA PHE A 213 16.40 -20.19 11.76
C PHE A 213 15.73 -21.08 12.80
N SER A 214 16.01 -22.39 12.73
CA SER A 214 15.51 -23.31 13.74
C SER A 214 16.68 -23.99 14.45
N THR A 215 16.67 -23.93 15.79
CA THR A 215 17.67 -24.61 16.61
C THR A 215 17.37 -26.10 16.78
N ALA A 216 16.15 -26.54 16.45
CA ALA A 216 15.84 -27.98 16.50
C ALA A 216 16.58 -28.74 15.41
N SER A 217 16.64 -28.19 14.21
CA SER A 217 17.21 -28.86 13.05
C SER A 217 18.46 -28.19 12.48
N ASP A 218 18.91 -27.07 13.05
CA ASP A 218 20.08 -26.35 12.52
C ASP A 218 19.88 -26.05 11.03
N THR A 219 18.73 -25.49 10.69
CA THR A 219 18.42 -25.16 9.31
C THR A 219 17.80 -23.78 9.24
N TYR A 220 17.74 -23.26 8.03
CA TYR A 220 17.26 -21.92 7.72
C TYR A 220 16.08 -22.01 6.77
N ALA A 221 15.24 -20.98 6.79
CA ALA A 221 14.08 -20.97 5.91
C ALA A 221 13.62 -19.55 5.66
N CYS A 222 12.89 -19.39 4.54
CA CYS A 222 12.30 -18.11 4.17
C CYS A 222 10.98 -18.00 4.93
N TRP A 223 10.21 -16.94 4.65
CA TRP A 223 8.92 -16.78 5.31
C TRP A 223 7.92 -17.87 4.90
N HIS A 224 8.07 -18.41 3.69
CA HIS A 224 7.11 -19.41 3.21
C HIS A 224 7.30 -20.77 3.88
N HIS A 225 8.50 -21.07 4.37
CA HIS A 225 8.86 -22.43 4.76
C HIS A 225 9.34 -22.51 6.21
N SER A 226 8.89 -21.59 7.06
CA SER A 226 9.42 -21.40 8.40
C SER A 226 8.55 -22.06 9.46
N ILE A 227 7.61 -22.90 9.06
CA ILE A 227 6.68 -23.45 10.04
C ILE A 227 7.49 -24.24 11.05
N GLY A 228 7.25 -23.97 12.33
CA GLY A 228 7.99 -24.61 13.39
C GLY A 228 9.33 -24.00 13.72
N PHE A 229 9.81 -23.03 12.93
CA PHE A 229 11.09 -22.38 13.20
C PHE A 229 10.98 -21.40 14.36
N ASP A 230 12.09 -21.22 15.10
CA ASP A 230 12.00 -20.52 16.37
C ASP A 230 12.81 -19.23 16.50
N TYR A 231 13.67 -18.89 15.55
CA TYR A 231 14.40 -17.63 15.62
C TYR A 231 14.29 -16.84 14.33
N VAL A 232 14.17 -15.52 14.47
CA VAL A 232 14.24 -14.58 13.36
C VAL A 232 15.69 -14.40 12.96
N TYR A 233 15.96 -14.49 11.65
CA TYR A 233 17.33 -14.52 11.14
C TYR A 233 17.61 -13.32 10.25
N ASN A 234 18.71 -12.65 10.54
CA ASN A 234 19.12 -11.45 9.85
C ASN A 234 17.98 -10.48 9.62
N PRO A 235 17.29 -10.08 10.69
CA PRO A 235 16.31 -8.97 10.62
C PRO A 235 17.01 -7.67 10.40
N PHE A 236 16.30 -6.74 9.85
CA PHE A 236 16.74 -5.36 9.78
C PHE A 236 15.85 -4.47 10.64
N MET A 237 16.34 -3.25 10.84
CA MET A 237 15.68 -2.33 11.76
C MET A 237 16.17 -0.91 11.54
N ILE A 238 15.36 0.05 11.97
CA ILE A 238 15.65 1.48 11.79
C ILE A 238 14.94 2.22 12.92
N ASP A 239 15.66 3.16 13.55
CA ASP A 239 15.18 3.89 14.72
C ASP A 239 14.74 5.26 14.28
N VAL A 240 13.43 5.50 14.32
CA VAL A 240 12.83 6.72 13.80
C VAL A 240 13.30 7.92 14.59
N GLN A 241 13.63 7.71 15.86
CA GLN A 241 14.12 8.80 16.69
C GLN A 241 15.46 9.36 16.20
N GLN A 242 16.20 8.62 15.37
CA GLN A 242 17.43 9.16 14.81
C GLN A 242 17.15 10.25 13.78
N TRP A 243 15.92 10.42 13.34
CA TRP A 243 15.67 11.34 12.24
C TRP A 243 15.56 12.80 12.69
N GLY A 244 15.66 13.05 13.99
CA GLY A 244 15.72 14.41 14.45
C GLY A 244 14.34 14.95 14.75
N PHE A 245 13.76 14.47 15.84
CA PHE A 245 12.43 14.84 16.26
C PHE A 245 12.54 15.54 17.61
N THR A 246 11.57 16.39 17.91
CA THR A 246 11.42 17.00 19.22
C THR A 246 10.16 16.44 19.88
N GLY A 247 10.28 16.08 21.15
CA GLY A 247 9.15 15.54 21.87
C GLY A 247 8.95 14.08 21.54
N ASN A 248 7.98 13.48 22.22
CA ASN A 248 7.85 12.03 22.22
C ASN A 248 7.02 11.54 21.02
N LEU A 249 6.81 10.23 20.98
CA LEU A 249 6.21 9.59 19.81
C LEU A 249 4.79 10.11 19.56
N GLN A 250 3.95 10.07 20.59
CA GLN A 250 2.55 10.47 20.39
C GLN A 250 2.45 11.90 19.91
N SER A 251 3.21 12.80 20.52
CA SER A 251 3.06 14.22 20.17
C SER A 251 3.47 14.46 18.72
N ASN A 252 4.36 13.64 18.18
CA ASN A 252 4.75 13.78 16.77
C ASN A 252 3.76 13.06 15.85
N HIS A 253 3.26 11.89 16.27
CA HIS A 253 2.33 11.14 15.43
C HIS A 253 1.00 11.86 15.29
N ASP A 254 0.50 12.41 16.41
CA ASP A 254 -0.81 13.05 16.43
C ASP A 254 -0.84 14.37 15.67
N LEU A 255 0.31 14.96 15.38
CA LEU A 255 0.33 16.10 14.49
C LEU A 255 -0.26 15.75 13.13
N TYR A 256 -0.16 14.49 12.70
CA TYR A 256 -0.55 14.11 11.34
C TYR A 256 -1.69 13.09 11.26
N CYS A 257 -2.10 12.48 12.37
CA CYS A 257 -2.95 11.31 12.29
C CYS A 257 -3.84 11.24 13.53
N GLN A 258 -5.15 11.15 13.32
CA GLN A 258 -6.13 11.03 14.40
C GLN A 258 -6.74 9.63 14.47
N VAL A 259 -6.26 8.69 13.66
CA VAL A 259 -6.89 7.39 13.60
C VAL A 259 -6.32 6.38 14.59
N HIS A 260 -5.02 6.40 14.84
CA HIS A 260 -4.38 5.52 15.80
C HIS A 260 -4.36 6.17 17.18
N GLY A 261 -4.85 5.43 18.18
CA GLY A 261 -4.90 5.92 19.54
C GLY A 261 -3.62 5.62 20.31
N ASN A 262 -3.67 5.88 21.62
CA ASN A 262 -2.53 5.67 22.53
C ASN A 262 -3.01 4.88 23.74
N ALA A 263 -3.48 3.66 23.51
CA ALA A 263 -4.12 2.90 24.56
C ALA A 263 -3.15 2.34 25.58
N HIS A 264 -1.89 2.79 25.60
CA HIS A 264 -0.94 2.32 26.62
C HIS A 264 -0.82 0.80 26.60
N VAL A 265 -0.83 0.24 25.41
CA VAL A 265 -0.37 -1.12 25.15
C VAL A 265 0.75 -1.01 24.13
N ALA A 266 1.67 -1.97 24.17
CA ALA A 266 2.86 -1.85 23.34
C ALA A 266 2.51 -1.76 21.86
N SER A 267 1.50 -2.51 21.41
CA SER A 267 1.14 -2.50 19.99
C SER A 267 0.72 -1.11 19.53
N CYS A 268 0.09 -0.31 20.41
CA CYS A 268 -0.30 1.06 20.04
C CYS A 268 0.90 1.91 19.66
N ASP A 269 1.98 1.82 20.44
CA ASP A 269 3.20 2.54 20.09
C ASP A 269 3.79 2.00 18.79
N ALA A 270 3.80 0.68 18.62
CA ALA A 270 4.35 0.10 17.40
C ALA A 270 3.59 0.57 16.17
N ILE A 271 2.27 0.66 16.26
CA ILE A 271 1.46 1.12 15.14
C ILE A 271 1.74 2.59 14.88
N MET A 272 1.75 3.40 15.94
CA MET A 272 2.08 4.82 15.79
C MET A 272 3.45 5.00 15.15
N THR A 273 4.44 4.22 15.59
CA THR A 273 5.81 4.38 15.08
C THR A 273 5.86 4.18 13.57
N ARG A 274 5.29 3.07 13.09
CA ARG A 274 5.18 2.83 11.65
C ARG A 274 4.41 3.94 10.94
N CYS A 275 3.24 4.32 11.48
CA CYS A 275 2.46 5.40 10.86
C CYS A 275 3.35 6.62 10.66
N LEU A 276 4.00 7.09 11.73
CA LEU A 276 4.84 8.26 11.59
C LEU A 276 5.91 8.06 10.52
N ALA A 277 6.56 6.89 10.52
CA ALA A 277 7.56 6.60 9.50
C ALA A 277 6.97 6.66 8.10
N VAL A 278 5.77 6.09 7.90
CA VAL A 278 5.15 6.17 6.58
C VAL A 278 4.86 7.64 6.23
N HIS A 279 4.38 8.42 7.20
CA HIS A 279 4.10 9.83 6.93
C HIS A 279 5.37 10.56 6.47
N GLU A 280 6.51 10.28 7.12
CA GLU A 280 7.73 11.01 6.80
C GLU A 280 8.28 10.62 5.43
N CYS A 281 8.16 9.36 5.04
CA CYS A 281 8.80 8.88 3.84
C CYS A 281 7.90 8.85 2.62
N PHE A 282 6.57 8.99 2.79
CA PHE A 282 5.62 8.80 1.70
C PHE A 282 4.51 9.85 1.64
N VAL A 283 4.29 10.64 2.70
CA VAL A 283 3.30 11.71 2.67
C VAL A 283 4.05 13.02 2.48
N LYS A 284 4.88 13.39 3.46
CA LYS A 284 5.61 14.65 3.36
C LYS A 284 6.71 14.55 2.30
N ARG A 285 7.41 13.41 2.24
CA ARG A 285 8.41 13.14 1.22
C ARG A 285 7.81 12.13 0.23
N VAL A 286 8.04 12.35 -1.06
CA VAL A 286 7.52 11.47 -2.12
C VAL A 286 8.65 11.20 -3.10
N ASP A 287 8.81 9.94 -3.51
CA ASP A 287 9.77 9.57 -4.55
C ASP A 287 9.13 8.56 -5.49
N TRP A 288 8.56 9.04 -6.59
CA TRP A 288 7.94 8.15 -7.58
C TRP A 288 8.97 7.52 -8.52
N THR A 289 10.25 7.80 -8.36
CA THR A 289 11.25 7.10 -9.16
C THR A 289 11.59 5.72 -8.58
N ILE A 290 11.37 5.50 -7.28
CA ILE A 290 11.66 4.19 -6.71
C ILE A 290 10.68 3.17 -7.26
N GLU A 291 11.21 2.07 -7.78
CA GLU A 291 10.46 0.94 -8.29
C GLU A 291 10.39 -0.15 -7.22
N TYR A 292 9.30 -0.91 -7.22
CA TYR A 292 9.13 -1.97 -6.24
C TYR A 292 8.85 -3.29 -6.95
N PRO A 293 9.42 -4.40 -6.46
CA PRO A 293 9.30 -5.67 -7.18
C PRO A 293 7.85 -6.12 -7.34
N ILE A 294 7.65 -7.01 -8.31
CA ILE A 294 6.34 -7.61 -8.58
C ILE A 294 6.08 -8.74 -7.59
N ILE A 295 4.96 -8.68 -6.89
CA ILE A 295 4.62 -9.67 -5.87
C ILE A 295 3.22 -10.23 -6.04
N GLY A 296 2.46 -9.76 -7.03
CA GLY A 296 1.09 -10.17 -7.25
C GLY A 296 0.59 -9.82 -8.63
N ASP A 297 -0.66 -9.34 -8.69
CA ASP A 297 -1.32 -9.12 -9.97
C ASP A 297 -1.07 -7.73 -10.54
N GLU A 298 0.03 -7.08 -10.16
CA GLU A 298 0.29 -5.72 -10.62
C GLU A 298 -0.04 -5.57 -12.11
N LEU A 299 0.59 -6.38 -12.95
CA LEU A 299 0.48 -6.15 -14.39
C LEU A 299 -0.95 -6.31 -14.86
N LYS A 300 -1.61 -7.39 -14.44
CA LYS A 300 -3.00 -7.61 -14.84
C LYS A 300 -3.91 -6.48 -14.37
N ILE A 301 -3.61 -5.93 -13.19
CA ILE A 301 -4.44 -4.87 -12.62
C ILE A 301 -4.28 -3.59 -13.39
N ASN A 302 -3.03 -3.23 -13.69
CA ASN A 302 -2.77 -2.02 -14.44
C ASN A 302 -3.33 -2.12 -15.85
N ALA A 303 -3.27 -3.32 -16.44
CA ALA A 303 -3.84 -3.53 -17.77
C ALA A 303 -5.36 -3.45 -17.70
N ALA A 304 -5.94 -4.04 -16.67
CA ALA A 304 -7.39 -3.94 -16.50
C ALA A 304 -7.81 -2.49 -16.40
N CYS A 305 -7.01 -1.67 -15.72
CA CYS A 305 -7.41 -0.28 -15.47
C CYS A 305 -7.41 0.51 -16.76
N ARG A 306 -6.42 0.26 -17.64
CA ARG A 306 -6.40 0.93 -18.93
C ARG A 306 -7.59 0.48 -19.79
N LYS A 307 -7.90 -0.82 -19.76
CA LYS A 307 -9.03 -1.34 -20.54
C LYS A 307 -10.34 -0.71 -20.08
N VAL A 308 -10.63 -0.80 -18.77
CA VAL A 308 -11.84 -0.21 -18.24
C VAL A 308 -11.90 1.28 -18.52
N GLN A 309 -10.77 1.99 -18.34
CA GLN A 309 -10.78 3.41 -18.59
C GLN A 309 -11.21 3.73 -20.01
N HIS A 310 -10.65 3.01 -20.98
CA HIS A 310 -11.02 3.26 -22.38
C HIS A 310 -12.50 2.95 -22.62
N MET A 311 -12.96 1.84 -22.06
CA MET A 311 -14.34 1.44 -22.24
C MET A 311 -15.29 2.49 -21.70
N VAL A 312 -15.09 2.89 -20.46
CA VAL A 312 -16.07 3.73 -19.80
C VAL A 312 -16.11 5.12 -20.41
N VAL A 313 -14.95 5.66 -20.75
CA VAL A 313 -14.92 7.02 -21.27
C VAL A 313 -15.47 7.05 -22.68
N LYS A 314 -15.11 6.05 -23.48
CA LYS A 314 -15.63 5.98 -24.84
C LYS A 314 -17.16 5.92 -24.84
N ALA A 315 -17.74 5.14 -23.92
CA ALA A 315 -19.19 5.01 -23.87
C ALA A 315 -19.85 6.28 -23.38
N ALA A 316 -19.20 7.02 -22.47
CA ALA A 316 -19.81 8.26 -22.02
C ALA A 316 -19.82 9.30 -23.13
N LEU A 317 -18.81 9.29 -24.00
CA LEU A 317 -18.83 10.25 -25.09
C LEU A 317 -19.90 9.88 -26.13
N LEU A 318 -20.18 8.59 -26.32
CA LEU A 318 -21.19 8.14 -27.29
C LEU A 318 -22.60 8.33 -26.76
N ALA A 319 -22.84 7.87 -25.53
CA ALA A 319 -24.16 8.05 -24.92
C ALA A 319 -24.55 9.52 -24.91
N ASP A 320 -23.66 10.40 -24.40
CA ASP A 320 -24.04 11.79 -24.12
C ASP A 320 -23.38 12.84 -25.01
N LYS A 321 -22.37 12.48 -25.80
CA LYS A 321 -21.90 13.37 -26.86
C LYS A 321 -21.41 14.72 -26.31
N PHE A 322 -20.61 14.67 -25.27
CA PHE A 322 -20.06 15.90 -24.72
C PHE A 322 -19.18 16.57 -25.77
N PRO A 323 -19.24 17.90 -25.92
CA PRO A 323 -18.34 18.57 -26.85
C PRO A 323 -16.92 18.75 -26.29
N VAL A 324 -16.73 18.67 -24.97
CA VAL A 324 -15.40 18.89 -24.38
C VAL A 324 -15.25 17.97 -23.17
N LEU A 325 -14.06 17.40 -23.03
CA LEU A 325 -13.71 16.57 -21.89
C LEU A 325 -12.54 17.21 -21.15
N HIS A 326 -12.70 17.39 -19.85
CA HIS A 326 -11.68 18.03 -18.99
C HIS A 326 -10.97 16.93 -18.21
N ASP A 327 -9.77 16.58 -18.66
CA ASP A 327 -9.00 15.46 -18.10
C ASP A 327 -8.10 15.99 -17.00
N ILE A 328 -8.52 15.86 -15.74
CA ILE A 328 -7.83 16.44 -14.60
C ILE A 328 -7.03 15.37 -13.89
N GLY A 329 -5.72 15.52 -13.87
CA GLY A 329 -4.90 14.56 -13.17
C GLY A 329 -3.48 14.49 -13.67
N ASN A 330 -2.99 13.28 -13.87
CA ASN A 330 -1.58 13.08 -14.09
C ASN A 330 -1.08 13.95 -15.23
N PRO A 331 0.00 14.73 -15.02
CA PRO A 331 0.56 15.54 -16.12
C PRO A 331 1.10 14.71 -17.26
N LYS A 332 1.29 13.42 -17.06
CA LYS A 332 1.77 12.55 -18.11
C LYS A 332 0.65 11.80 -18.82
N ALA A 333 -0.60 12.23 -18.64
CA ALA A 333 -1.75 11.49 -19.17
C ALA A 333 -1.82 11.64 -20.69
N ILE A 334 -2.19 10.55 -21.35
CA ILE A 334 -2.49 10.50 -22.76
C ILE A 334 -3.99 10.31 -22.94
N LYS A 335 -4.51 10.77 -24.08
CA LYS A 335 -5.90 10.52 -24.45
C LYS A 335 -6.20 9.03 -24.36
N CYS A 336 -7.20 8.67 -23.53
CA CYS A 336 -7.56 7.27 -23.37
C CYS A 336 -8.54 6.80 -24.45
N VAL A 337 -9.26 7.70 -25.10
CA VAL A 337 -10.11 7.39 -26.25
C VAL A 337 -9.61 8.22 -27.43
N PRO A 338 -8.49 7.85 -28.05
CA PRO A 338 -7.84 8.77 -28.99
C PRO A 338 -8.69 9.11 -30.21
N GLN A 339 -9.59 8.24 -30.63
CA GLN A 339 -10.38 8.47 -31.84
C GLN A 339 -11.66 9.25 -31.58
N ALA A 340 -11.89 9.70 -30.35
CA ALA A 340 -13.16 10.35 -30.03
C ALA A 340 -13.20 11.75 -30.60
N ASP A 341 -14.41 12.19 -30.96
CA ASP A 341 -14.60 13.47 -31.63
C ASP A 341 -14.21 14.64 -30.74
N VAL A 342 -14.44 14.50 -29.44
CA VAL A 342 -14.46 15.63 -28.52
C VAL A 342 -13.16 16.41 -28.45
N GLU A 343 -13.28 17.64 -27.94
CA GLU A 343 -12.14 18.50 -27.59
C GLU A 343 -11.58 18.05 -26.25
N TRP A 344 -10.35 17.55 -26.26
CA TRP A 344 -9.69 17.01 -25.09
C TRP A 344 -8.74 18.05 -24.50
N LYS A 345 -9.05 18.48 -23.28
CA LYS A 345 -8.26 19.47 -22.56
C LYS A 345 -7.70 18.84 -21.29
N PHE A 346 -6.38 18.96 -21.11
CA PHE A 346 -5.68 18.37 -19.98
C PHE A 346 -5.41 19.41 -18.90
N TYR A 347 -5.43 18.96 -17.65
CA TYR A 347 -5.16 19.79 -16.48
C TYR A 347 -4.25 18.97 -15.58
N ASP A 348 -3.14 19.58 -15.12
CA ASP A 348 -2.08 18.85 -14.42
C ASP A 348 -2.33 18.82 -12.90
N ALA A 349 -2.32 17.63 -12.32
CA ALA A 349 -2.36 17.49 -10.87
C ALA A 349 -1.67 16.18 -10.52
N GLN A 350 -0.62 16.27 -9.72
CA GLN A 350 0.10 15.09 -9.28
C GLN A 350 -0.72 14.35 -8.23
N PRO A 351 -0.52 13.03 -8.09
CA PRO A 351 -1.19 12.31 -6.99
C PRO A 351 -1.07 13.05 -5.68
N CYS A 352 -2.18 13.43 -5.07
CA CYS A 352 -2.12 14.07 -3.75
C CYS A 352 -1.87 12.96 -2.72
N SER A 353 -0.76 13.06 -2.00
CA SER A 353 -0.44 12.00 -1.04
C SER A 353 -0.91 12.32 0.37
N ASP A 354 -1.20 13.59 0.67
CA ASP A 354 -1.62 14.00 2.01
C ASP A 354 -3.13 14.05 2.14
N LYS A 355 -3.73 15.23 1.95
CA LYS A 355 -5.18 15.36 1.93
C LYS A 355 -5.70 15.41 0.50
N ALA A 356 -6.98 15.07 0.35
CA ALA A 356 -7.60 15.16 -0.97
C ALA A 356 -7.58 16.59 -1.47
N TYR A 357 -7.35 16.76 -2.77
CA TYR A 357 -7.48 18.08 -3.35
C TYR A 357 -8.86 18.68 -3.06
N LYS A 358 -8.89 20.00 -2.89
CA LYS A 358 -10.11 20.78 -2.81
C LYS A 358 -10.51 21.18 -4.23
N ILE A 359 -11.72 20.81 -4.63
CA ILE A 359 -12.18 21.14 -5.99
C ILE A 359 -12.18 22.65 -6.22
N GLU A 360 -12.25 23.45 -5.17
CA GLU A 360 -12.19 24.90 -5.34
C GLU A 360 -10.81 25.39 -5.79
N GLU A 361 -9.74 24.83 -5.23
CA GLU A 361 -8.41 25.18 -5.70
C GLU A 361 -8.13 24.64 -7.11
N LEU A 362 -8.60 23.43 -7.39
CA LEU A 362 -8.34 22.85 -8.71
C LEU A 362 -9.01 23.68 -9.81
N PHE A 363 -10.26 24.07 -9.60
CA PHE A 363 -11.03 24.76 -10.64
C PHE A 363 -11.00 26.26 -10.40
N PHE A 373 -15.45 24.53 -16.44
CA PHE A 373 -15.43 23.10 -16.26
C PHE A 373 -16.83 22.51 -16.26
N THR A 374 -17.82 23.39 -16.16
CA THR A 374 -19.22 22.99 -16.22
C THR A 374 -19.65 22.54 -17.61
N ASP A 375 -18.90 22.89 -18.64
CA ASP A 375 -19.19 22.46 -20.00
C ASP A 375 -18.67 21.04 -20.20
N GLY A 376 -19.50 20.18 -20.78
CA GLY A 376 -19.06 18.83 -21.08
C GLY A 376 -18.88 18.00 -19.83
N VAL A 377 -17.80 17.23 -19.81
CA VAL A 377 -17.56 16.27 -18.74
C VAL A 377 -16.13 16.35 -18.23
N CYS A 378 -15.96 16.06 -16.95
CA CYS A 378 -14.67 16.06 -16.27
C CYS A 378 -14.27 14.64 -15.91
N LEU A 379 -13.04 14.28 -16.26
CA LEU A 379 -12.51 12.93 -16.05
C LEU A 379 -11.50 13.04 -14.91
N PHE A 380 -11.86 12.51 -13.74
CA PHE A 380 -10.96 12.42 -12.60
C PHE A 380 -10.49 10.98 -12.47
N TRP A 381 -9.46 10.59 -13.22
CA TRP A 381 -8.96 9.20 -13.16
C TRP A 381 -7.83 9.12 -12.13
N ASN A 382 -8.17 8.65 -10.94
CA ASN A 382 -7.29 8.63 -9.77
C ASN A 382 -6.81 10.03 -9.39
N CYS A 383 -7.67 11.01 -9.54
CA CYS A 383 -7.40 12.37 -9.04
C CYS A 383 -8.35 12.59 -7.86
N ASN A 384 -7.87 12.32 -6.66
CA ASN A 384 -8.69 12.39 -5.46
C ASN A 384 -8.97 13.84 -5.09
N VAL A 385 -10.24 14.24 -5.21
CA VAL A 385 -10.71 15.53 -4.78
C VAL A 385 -11.73 15.31 -3.65
N ASP A 386 -12.07 16.39 -2.95
CA ASP A 386 -12.96 16.24 -1.80
C ASP A 386 -14.44 16.18 -2.17
N ARG A 387 -14.85 16.80 -3.30
CA ARG A 387 -16.22 16.74 -3.78
C ARG A 387 -16.18 16.86 -5.30
N TYR A 388 -16.43 15.75 -5.99
CA TYR A 388 -16.44 15.77 -7.45
C TYR A 388 -17.64 16.56 -7.97
N PRO A 389 -17.47 17.26 -9.09
CA PRO A 389 -18.61 17.95 -9.71
C PRO A 389 -19.59 16.94 -10.30
N ALA A 390 -20.80 17.43 -10.57
CA ALA A 390 -21.86 16.51 -10.97
C ALA A 390 -21.61 15.93 -12.36
N ASN A 391 -20.86 16.63 -13.20
CA ASN A 391 -20.61 16.17 -14.57
C ASN A 391 -19.27 15.44 -14.68
N SER A 392 -19.10 14.41 -13.84
CA SER A 392 -17.81 13.72 -13.83
C SER A 392 -17.88 12.22 -14.12
N ILE A 393 -16.75 11.73 -14.60
CA ILE A 393 -16.39 10.31 -14.64
C ILE A 393 -15.21 10.16 -13.69
N VAL A 394 -15.29 9.22 -12.75
CA VAL A 394 -14.32 9.20 -11.67
C VAL A 394 -13.91 7.77 -11.37
N CYS A 395 -12.60 7.53 -11.30
CA CYS A 395 -12.04 6.31 -10.73
C CYS A 395 -11.25 6.71 -9.48
N ARG A 396 -11.64 6.14 -8.33
CA ARG A 396 -11.05 6.53 -7.05
C ARG A 396 -10.67 5.30 -6.24
N PHE A 397 -9.44 5.27 -5.75
CA PHE A 397 -8.96 4.12 -5.00
C PHE A 397 -9.57 4.11 -3.61
N ASP A 398 -10.01 2.91 -3.18
CA ASP A 398 -10.68 2.72 -1.89
C ASP A 398 -9.63 2.18 -0.92
N THR A 399 -9.19 3.06 -0.01
CA THR A 399 -8.08 2.73 0.87
C THR A 399 -8.40 1.60 1.83
N ARG A 400 -9.68 1.28 2.05
CA ARG A 400 -10.02 0.22 2.99
C ARG A 400 -9.76 -1.18 2.42
N VAL A 401 -9.36 -1.29 1.16
CA VAL A 401 -9.30 -2.60 0.52
C VAL A 401 -8.18 -3.42 1.13
N LEU A 402 -8.47 -4.68 1.42
CA LEU A 402 -7.46 -5.62 1.91
C LEU A 402 -6.79 -6.31 0.72
N SER A 403 -5.51 -6.02 0.50
CA SER A 403 -4.69 -6.74 -0.48
C SER A 403 -3.23 -6.65 -0.09
N ASN A 404 -2.41 -7.46 -0.77
CA ASN A 404 -0.96 -7.42 -0.56
C ASN A 404 -0.34 -6.18 -1.17
N LEU A 405 -1.02 -5.55 -2.12
CA LEU A 405 -0.51 -4.33 -2.71
C LEU A 405 -0.76 -3.11 -1.82
N ASN A 406 -1.69 -3.21 -0.88
CA ASN A 406 -2.17 -2.06 -0.13
C ASN A 406 -1.75 -2.17 1.33
N LEU A 407 -0.86 -1.31 1.74
CA LEU A 407 -0.36 -1.31 3.09
C LEU A 407 -1.08 -0.25 3.92
N PRO A 408 -1.26 -0.51 5.21
CA PRO A 408 -1.89 0.49 6.09
C PRO A 408 -1.09 1.78 6.08
N GLY A 409 -1.80 2.89 6.17
CA GLY A 409 -1.17 4.19 6.03
C GLY A 409 -1.51 5.15 7.14
N CYS A 410 -1.41 6.44 6.81
N CYS A 410 -1.34 6.44 6.84
CA CYS A 410 -1.46 7.53 7.79
CA CYS A 410 -1.48 7.48 7.84
C CYS A 410 -2.80 8.24 7.75
C CYS A 410 -2.85 8.14 7.76
N ASP A 411 -3.42 8.38 8.93
CA ASP A 411 -4.64 9.16 9.05
C ASP A 411 -5.72 8.59 8.14
N GLY A 412 -5.89 7.26 8.21
CA GLY A 412 -6.87 6.55 7.42
C GLY A 412 -6.49 6.30 5.98
N GLY A 413 -5.47 6.97 5.48
CA GLY A 413 -5.00 6.70 4.14
C GLY A 413 -4.34 5.35 4.06
N SER A 414 -3.93 4.98 2.85
CA SER A 414 -3.25 3.71 2.63
C SER A 414 -2.09 3.92 1.68
N LEU A 415 -1.14 3.01 1.73
CA LEU A 415 0.06 3.08 0.90
C LEU A 415 -0.09 2.00 -0.16
N TYR A 416 -0.43 2.41 -1.38
CA TYR A 416 -0.64 1.49 -2.48
C TYR A 416 0.67 1.33 -3.23
N VAL A 417 1.26 0.14 -3.18
CA VAL A 417 2.54 -0.13 -3.82
C VAL A 417 2.28 -1.09 -4.98
N ASN A 418 2.28 -0.54 -6.18
CA ASN A 418 2.14 -1.29 -7.43
C ASN A 418 3.16 -0.65 -8.37
N LYS A 419 4.33 -1.26 -8.50
CA LYS A 419 5.48 -0.65 -9.19
C LYS A 419 6.01 0.57 -8.44
N HIS A 420 5.16 1.54 -8.11
CA HIS A 420 5.55 2.73 -7.38
C HIS A 420 4.70 2.83 -6.11
N ALA A 421 5.18 3.61 -5.14
CA ALA A 421 4.49 3.78 -3.87
C ALA A 421 3.62 5.03 -3.93
N PHE A 422 2.30 4.87 -3.73
CA PHE A 422 1.37 6.00 -3.75
C PHE A 422 0.62 6.07 -2.43
N HIS A 423 1.06 6.86 -1.47
CA HIS A 423 0.20 7.07 -0.32
C HIS A 423 -1.08 7.77 -0.80
N THR A 424 -2.24 7.30 -0.33
CA THR A 424 -3.53 7.72 -0.83
C THR A 424 -4.39 8.22 0.32
N PRO A 425 -5.01 9.40 0.19
CA PRO A 425 -5.87 9.89 1.27
C PRO A 425 -7.10 9.01 1.47
N ALA A 426 -7.58 8.98 2.72
CA ALA A 426 -8.63 8.07 3.12
C ALA A 426 -9.83 8.18 2.20
N PHE A 427 -10.42 7.02 1.89
CA PHE A 427 -11.68 6.95 1.17
C PHE A 427 -12.80 7.63 1.95
N ASP A 428 -13.51 8.52 1.26
CA ASP A 428 -14.58 9.34 1.83
C ASP A 428 -15.78 9.23 0.90
N LYS A 429 -16.81 8.50 1.37
CA LYS A 429 -17.99 8.28 0.53
C LYS A 429 -18.63 9.59 0.10
N SER A 430 -18.57 10.62 0.94
CA SER A 430 -19.22 11.90 0.65
C SER A 430 -18.61 12.61 -0.55
N ALA A 431 -17.39 12.27 -0.94
CA ALA A 431 -16.82 12.88 -2.15
C ALA A 431 -17.71 12.64 -3.36
N PHE A 432 -18.55 11.61 -3.34
CA PHE A 432 -19.26 11.19 -4.53
C PHE A 432 -20.75 11.51 -4.49
N VAL A 433 -21.18 12.45 -3.64
CA VAL A 433 -22.61 12.69 -3.43
C VAL A 433 -23.30 13.13 -4.71
N ASN A 434 -22.62 13.90 -5.55
CA ASN A 434 -23.23 14.37 -6.79
C ASN A 434 -23.25 13.31 -7.88
N LEU A 435 -22.73 12.12 -7.62
CA LEU A 435 -22.58 11.07 -8.64
C LEU A 435 -23.25 9.78 -8.16
N LYS A 436 -23.15 8.75 -9.00
CA LYS A 436 -23.67 7.43 -8.67
C LYS A 436 -22.62 6.38 -9.02
N GLN A 437 -22.77 5.21 -8.40
CA GLN A 437 -21.91 4.10 -8.76
C GLN A 437 -22.11 3.79 -10.24
N LEU A 438 -21.03 3.48 -10.91
CA LEU A 438 -21.11 3.15 -12.33
C LEU A 438 -21.44 1.68 -12.48
N PRO A 439 -22.51 1.31 -13.17
CA PRO A 439 -22.82 -0.11 -13.34
C PRO A 439 -21.86 -0.76 -14.33
N PHE A 440 -21.64 -2.06 -14.15
CA PHE A 440 -20.88 -2.80 -15.16
C PHE A 440 -21.63 -2.80 -16.49
N PHE A 441 -20.87 -2.69 -17.58
CA PHE A 441 -21.40 -2.88 -18.92
C PHE A 441 -20.20 -3.14 -19.82
N TYR A 442 -20.45 -3.81 -20.92
CA TYR A 442 -19.44 -3.99 -21.96
C TYR A 442 -20.01 -3.41 -23.23
N TYR A 443 -19.26 -2.53 -23.90
CA TYR A 443 -19.70 -1.92 -25.14
C TYR A 443 -18.68 -2.19 -26.23
N SER A 444 -19.16 -2.55 -27.42
CA SER A 444 -18.27 -2.76 -28.55
C SER A 444 -19.01 -2.43 -29.83
N ASP A 445 -18.31 -1.71 -30.71
CA ASP A 445 -18.72 -1.42 -32.07
C ASP A 445 -17.88 -2.17 -33.10
N SER A 446 -17.02 -3.08 -32.65
CA SER A 446 -16.15 -3.80 -33.56
C SER A 446 -16.97 -4.78 -34.39
N PRO A 447 -16.51 -5.14 -35.59
CA PRO A 447 -17.26 -6.13 -36.39
C PRO A 447 -17.39 -7.44 -35.64
N CYS A 448 -18.51 -8.14 -35.89
CA CYS A 448 -18.71 -9.48 -35.35
C CYS A 448 -17.94 -10.47 -36.24
N GLU A 449 -16.74 -10.85 -35.81
CA GLU A 449 -15.88 -11.68 -36.65
C GLU A 449 -14.85 -12.36 -35.77
N SER A 450 -14.57 -13.62 -36.11
CA SER A 450 -13.70 -14.45 -35.27
C SER A 450 -12.41 -14.91 -36.01
N PRO A 463 -22.13 -20.30 -24.88
CA PRO A 463 -23.05 -19.33 -25.52
C PRO A 463 -23.41 -18.23 -24.54
N LEU A 464 -23.21 -16.97 -24.89
CA LEU A 464 -23.31 -15.88 -23.93
C LEU A 464 -24.70 -15.27 -24.00
N LYS A 465 -25.36 -15.19 -22.85
CA LYS A 465 -26.56 -14.39 -22.66
C LYS A 465 -26.26 -13.34 -21.60
N SER A 466 -26.37 -12.06 -21.95
CA SER A 466 -26.19 -11.00 -20.98
C SER A 466 -26.88 -9.76 -21.45
N ALA A 467 -27.69 -9.17 -20.56
CA ALA A 467 -28.24 -7.85 -20.84
C ALA A 467 -27.18 -6.74 -20.90
N THR A 468 -25.98 -6.94 -20.34
CA THR A 468 -24.97 -5.88 -20.32
C THR A 468 -23.90 -6.06 -21.41
N CYS A 469 -24.15 -6.91 -22.40
CA CYS A 469 -23.23 -7.09 -23.53
C CYS A 469 -23.77 -6.20 -24.65
N ILE A 470 -23.28 -4.97 -24.72
CA ILE A 470 -23.88 -3.97 -25.62
C ILE A 470 -23.15 -4.00 -26.94
N THR A 471 -23.76 -4.68 -27.92
CA THR A 471 -23.14 -4.97 -29.20
C THR A 471 -24.24 -5.18 -30.23
N ARG A 472 -23.94 -4.91 -31.50
CA ARG A 472 -24.90 -5.14 -32.55
C ARG A 472 -25.44 -6.54 -32.41
N CYS A 473 -24.55 -7.53 -32.25
CA CYS A 473 -24.83 -8.84 -31.70
C CYS A 473 -26.15 -9.01 -31.00
N ASN A 474 -26.11 -8.60 -29.72
CA ASN A 474 -27.16 -8.78 -28.74
C ASN A 474 -28.38 -7.99 -29.15
N LEU A 475 -28.15 -6.85 -29.81
CA LEU A 475 -29.28 -6.08 -30.32
C LEU A 475 -30.09 -6.93 -31.27
N GLY A 476 -29.41 -7.63 -32.20
CA GLY A 476 -30.03 -8.53 -33.14
C GLY A 476 -30.48 -9.88 -32.59
N GLY A 477 -30.24 -10.14 -31.30
CA GLY A 477 -30.80 -11.28 -30.60
C GLY A 477 -29.79 -12.33 -30.16
N ALA A 478 -28.57 -12.34 -30.68
CA ALA A 478 -27.65 -13.43 -30.34
C ALA A 478 -26.18 -13.03 -30.47
N VAL A 479 -25.50 -12.99 -29.33
CA VAL A 479 -24.11 -12.54 -29.24
C VAL A 479 -23.21 -13.45 -30.07
N CYS A 480 -22.46 -12.86 -31.01
CA CYS A 480 -21.49 -13.61 -31.76
C CYS A 480 -20.35 -14.06 -30.83
N ARG A 481 -19.52 -14.99 -31.31
CA ARG A 481 -18.54 -15.66 -30.44
C ARG A 481 -17.41 -14.71 -30.07
N HIS A 482 -16.96 -13.90 -31.03
CA HIS A 482 -15.91 -12.94 -30.78
C HIS A 482 -16.30 -11.98 -29.67
N HIS A 483 -17.51 -11.43 -29.73
CA HIS A 483 -17.91 -10.50 -28.68
C HIS A 483 -18.21 -11.23 -27.38
N ALA A 484 -18.57 -12.51 -27.46
CA ALA A 484 -18.67 -13.31 -26.24
C ALA A 484 -17.30 -13.46 -25.58
N ASN A 485 -16.26 -13.71 -26.39
CA ASN A 485 -14.92 -13.84 -25.83
C ASN A 485 -14.47 -12.53 -25.19
N GLU A 486 -14.55 -11.43 -25.96
CA GLU A 486 -14.19 -10.13 -25.45
C GLU A 486 -15.02 -9.76 -24.22
N TYR A 487 -16.32 -10.04 -24.24
CA TYR A 487 -17.12 -9.72 -23.06
C TYR A 487 -16.56 -10.41 -21.83
N ARG A 488 -16.22 -11.70 -21.95
CA ARG A 488 -15.76 -12.42 -20.77
C ARG A 488 -14.35 -12.01 -20.35
N LEU A 489 -13.51 -11.60 -21.30
CA LEU A 489 -12.22 -11.03 -20.90
C LEU A 489 -12.42 -9.72 -20.16
N TYR A 490 -13.31 -8.85 -20.66
CA TYR A 490 -13.49 -7.54 -20.04
C TYR A 490 -14.09 -7.67 -18.65
N LEU A 491 -15.09 -8.54 -18.48
CA LEU A 491 -15.62 -8.78 -17.15
C LEU A 491 -14.51 -9.21 -16.20
N ASP A 492 -13.61 -10.06 -16.66
CA ASP A 492 -12.52 -10.54 -15.82
C ASP A 492 -11.62 -9.41 -15.38
N ALA A 493 -11.22 -8.56 -16.33
CA ALA A 493 -10.45 -7.37 -16.00
C ALA A 493 -11.22 -6.46 -15.05
N TYR A 494 -12.48 -6.16 -15.38
CA TYR A 494 -13.29 -5.29 -14.55
C TYR A 494 -13.32 -5.80 -13.10
N ASN A 495 -13.58 -7.09 -12.92
CA ASN A 495 -13.63 -7.64 -11.57
C ASN A 495 -12.27 -7.59 -10.91
N MET A 496 -11.20 -7.79 -11.69
CA MET A 496 -9.85 -7.68 -11.17
C MET A 496 -9.61 -6.29 -10.62
N MET A 497 -10.07 -5.27 -11.34
CA MET A 497 -9.80 -3.91 -10.92
C MET A 497 -10.61 -3.55 -9.67
N ILE A 498 -11.87 -3.96 -9.61
CA ILE A 498 -12.69 -3.65 -8.44
C ILE A 498 -12.08 -4.30 -7.21
N SER A 499 -11.72 -5.57 -7.31
CA SER A 499 -11.18 -6.31 -6.18
C SER A 499 -9.81 -5.80 -5.77
N ALA A 500 -9.09 -5.11 -6.68
CA ALA A 500 -7.84 -4.46 -6.32
C ALA A 500 -8.06 -3.18 -5.51
N GLY A 501 -9.32 -2.76 -5.36
CA GLY A 501 -9.66 -1.65 -4.49
C GLY A 501 -10.27 -0.46 -5.20
N PHE A 502 -10.20 -0.40 -6.52
CA PHE A 502 -10.73 0.71 -7.27
C PHE A 502 -12.26 0.73 -7.30
N SER A 503 -12.82 1.94 -7.38
CA SER A 503 -14.26 2.12 -7.42
C SER A 503 -14.55 3.17 -8.49
N LEU A 504 -15.68 3.02 -9.17
CA LEU A 504 -16.02 3.82 -10.32
C LEU A 504 -17.37 4.51 -10.11
N TRP A 505 -17.43 5.76 -10.52
CA TRP A 505 -18.56 6.66 -10.28
C TRP A 505 -18.77 7.47 -11.55
N VAL A 506 -20.01 7.93 -11.76
CA VAL A 506 -20.34 8.64 -12.99
C VAL A 506 -21.51 9.59 -12.74
N TYR A 507 -21.67 10.56 -13.64
CA TYR A 507 -22.78 11.51 -13.56
C TYR A 507 -24.11 10.76 -13.62
N LYS A 508 -25.14 11.35 -12.99
CA LYS A 508 -26.37 10.62 -12.69
C LYS A 508 -27.17 10.29 -13.95
N GLN A 509 -27.03 11.10 -15.00
CA GLN A 509 -27.78 10.83 -16.21
C GLN A 509 -27.16 9.73 -17.05
N PHE A 510 -26.00 9.19 -16.66
CA PHE A 510 -25.42 8.13 -17.48
C PHE A 510 -26.40 6.95 -17.54
N ASP A 511 -26.69 6.50 -18.75
CA ASP A 511 -27.70 5.48 -18.99
C ASP A 511 -27.19 4.62 -20.14
N THR A 512 -26.88 3.36 -19.89
CA THR A 512 -26.35 2.54 -20.98
C THR A 512 -27.38 2.30 -22.08
N TYR A 513 -28.65 2.61 -21.84
CA TYR A 513 -29.67 2.43 -22.87
C TYR A 513 -29.38 3.30 -24.09
N ASN A 514 -28.70 4.43 -23.89
CA ASN A 514 -28.42 5.36 -24.97
C ASN A 514 -27.37 4.84 -25.95
N LEU A 515 -26.65 3.78 -25.59
CA LEU A 515 -25.62 3.24 -26.47
C LEU A 515 -26.19 2.35 -27.57
N TRP A 516 -27.36 1.75 -27.34
CA TRP A 516 -27.88 0.83 -28.34
C TRP A 516 -28.13 1.51 -29.68
N ASN A 517 -28.51 2.79 -29.68
CA ASN A 517 -28.76 3.50 -30.93
C ASN A 517 -27.48 3.92 -31.66
N THR A 518 -26.29 3.68 -31.11
CA THR A 518 -25.07 3.84 -31.91
C THR A 518 -24.87 2.71 -32.91
N PHE A 519 -25.70 1.68 -32.84
CA PHE A 519 -25.69 0.58 -33.79
C PHE A 519 -26.72 0.83 -34.91
ZN ZN B . -1.36 7.08 12.79
ZN ZN C . -20.71 -9.56 -32.31
ZN ZN D . 11.75 -21.16 1.28
P PO4 E . 10.28 -5.36 -0.21
O1 PO4 E . 9.06 -6.19 -0.58
O2 PO4 E . 11.52 -6.11 -0.68
O3 PO4 E . 10.10 -4.00 -0.88
O4 PO4 E . 10.35 -5.24 1.29
P PO4 F . -13.16 -5.19 -28.97
O1 PO4 F . -13.05 -6.27 -30.04
O2 PO4 F . -14.09 -4.07 -29.40
O3 PO4 F . -13.64 -5.79 -27.67
O4 PO4 F . -11.79 -4.58 -28.78
C02 A1BYF G . 2.03 -0.21 28.66
C04 A1BYF G . 1.57 -2.63 29.07
C05 A1BYF G . 2.71 -3.32 29.80
C07 A1BYF G . 3.78 -4.99 31.03
C08 A1BYF G . 3.90 -6.32 31.75
C09 A1BYF G . 4.13 -7.73 31.22
C10 A1BYF G . 2.79 -7.37 31.88
C11 A1BYF G . 4.80 -4.02 30.83
C13 A1BYF G . 2.46 0.89 27.70
C16 A1BYF G . 3.13 2.86 26.93
C17 A1BYF G . 3.64 4.32 26.90
C19 A1BYF G . 4.06 6.22 25.54
C20 A1BYF G . 5.09 6.70 26.59
C21 A1BYF G . 4.50 7.23 27.91
C22 A1BYF G . 5.07 8.20 26.88
C23 A1BYF G . 2.85 2.17 28.08
N03 A1BYF G . 2.03 -1.57 28.18
N06 A1BYF G . 2.53 -4.56 30.41
N14 A1BYF G . 2.47 0.82 26.37
N15 A1BYF G . 2.90 2.05 25.91
N18 A1BYF G . 3.94 4.75 25.53
O01 A1BYF G . 1.65 0.06 29.76
S12 A1BYF G . 4.23 -2.77 30.00
H041 A1BYF G . 1.02 -3.36 28.49
H042 A1BYF G . 0.89 -2.18 29.81
H081 A1BYF G . 4.46 -6.21 32.68
H092 A1BYF G . 4.79 -8.36 31.81
H091 A1BYF G . 4.10 -7.83 30.14
H102 A1BYF G . 2.64 -7.78 32.88
H101 A1BYF G . 1.95 -7.25 31.21
H111 A1BYF G . 5.82 -4.10 31.20
H171 A1BYF G . 2.88 4.97 27.33
H172 A1BYF G . 4.55 4.38 27.49
H192 A1BYF G . 3.08 6.66 25.78
H191 A1BYF G . 4.38 6.57 24.56
H201 A1BYF G . 6.05 6.21 26.68
H211 A1BYF G . 5.11 7.06 28.79
H212 A1BYF G . 3.40 7.21 27.99
H221 A1BYF G . 6.04 8.64 27.13
H222 A1BYF G . 4.35 8.78 26.31
H231 A1BYF G . 2.92 2.55 29.10
H031 A1BYF G . 2.36 -1.80 27.26
H151 A1BYF G . 3.01 2.30 24.94
H181 A1BYF G . 4.80 4.34 25.22
#